data_8UA2
#
_entry.id   8UA2
#
_cell.length_a   95.909
_cell.length_b   95.909
_cell.length_c   74.526
_cell.angle_alpha   90.00
_cell.angle_beta   90.00
_cell.angle_gamma   90.00
#
_symmetry.space_group_name_H-M   'P 41 21 2'
#
loop_
_entity.id
_entity.type
_entity.pdbx_description
1 polymer RL2
2 non-polymer 'IODIDE ION'
#
_entity_poly.entity_id   1
_entity_poly.type   'polypeptide(L)'
_entity_poly.pdbx_seq_one_letter_code
;QSNAASGPARPRAAVAPCVRAPPPGPGPRAPAPGAEPAARPADARRVPQSHSSLAQAANQEQSLCRARATVARGSGGPGV
EGGHGPSRGAAPSGAAPSGAPPLPSAASVEQEAAVRPRKRRGSGQENPSPQSTRPPLAPAGAKRAATHPPSDSGPGGRGQ
GGPGTPLTSSAASASSSSASSSSAPTPAGATSSATGAASSSASASSGGAVGALGGRQEETSLGPRAASGPRGPRKCARKT
RHAETSGAVPAGGLTRYLPISGVSSVVALSPYVNKTITGDCLPILDMETGNIGAYVVLVDQTGNMATRLRAAVPGWSRRT
LLPETAGNHVTPPEYPTAPASEWNSLWMTPVGNMLFDQGTLVGALDFRSLRSRHPWSGEQGASTRDEGKQ
;
_entity_poly.pdbx_strand_id   A,B
#
# COMPACT_ATOMS: atom_id res chain seq x y z
N LEU A 254 0.07 20.20 -3.70
CA LEU A 254 1.02 19.35 -4.42
C LEU A 254 1.23 17.98 -3.78
N THR A 255 0.57 16.96 -4.34
CA THR A 255 0.63 15.61 -3.78
C THR A 255 1.64 14.80 -4.57
N ARG A 256 2.35 13.92 -3.85
CA ARG A 256 3.29 12.97 -4.44
C ARG A 256 2.71 11.57 -4.46
N TYR A 257 3.13 10.77 -5.46
CA TYR A 257 2.59 9.43 -5.67
C TYR A 257 3.70 8.42 -5.91
N LEU A 258 3.63 7.29 -5.19
CA LEU A 258 4.62 6.22 -5.35
C LEU A 258 4.06 5.11 -6.23
N PRO A 259 4.58 4.90 -7.44
CA PRO A 259 4.14 3.72 -8.21
C PRO A 259 4.48 2.43 -7.51
N ILE A 260 3.59 1.45 -7.66
CA ILE A 260 3.74 0.09 -7.14
C ILE A 260 4.10 -0.82 -8.31
N SER A 261 5.14 -1.65 -8.15
CA SER A 261 5.57 -2.51 -9.24
C SER A 261 4.61 -3.67 -9.43
N GLY A 262 4.40 -4.03 -10.68
CA GLY A 262 3.55 -5.15 -11.04
C GLY A 262 2.11 -4.79 -11.23
N VAL A 263 1.71 -3.59 -10.82
CA VAL A 263 0.34 -3.15 -10.89
C VAL A 263 0.36 -1.72 -11.39
N SER A 264 -0.75 -1.31 -11.98
CA SER A 264 -0.88 0.03 -12.52
C SER A 264 -1.52 0.95 -11.47
N SER A 265 -0.88 1.02 -10.30
CA SER A 265 -1.42 1.74 -9.16
C SER A 265 -0.33 2.58 -8.50
N VAL A 266 -0.76 3.58 -7.76
CA VAL A 266 0.15 4.42 -6.98
C VAL A 266 -0.37 4.53 -5.56
N VAL A 267 0.55 4.73 -4.62
CA VAL A 267 0.22 5.12 -3.24
C VAL A 267 0.21 6.64 -3.23
N ALA A 268 -0.94 7.21 -2.87
CA ALA A 268 -1.13 8.65 -2.80
C ALA A 268 -0.67 9.15 -1.44
N LEU A 269 0.35 10.00 -1.45
CA LEU A 269 0.98 10.49 -0.22
C LEU A 269 0.18 11.66 0.39
N SER A 270 -1.07 11.34 0.72
CA SER A 270 -2.05 12.25 1.31
C SER A 270 -2.66 11.52 2.50
N PRO A 271 -2.08 11.65 3.69
CA PRO A 271 -2.53 10.83 4.83
C PRO A 271 -3.85 11.29 5.47
N TYR A 272 -4.61 10.28 5.87
CA TYR A 272 -5.82 10.44 6.67
C TYR A 272 -5.49 9.83 8.03
N VAL A 273 -5.40 10.67 9.04
CA VAL A 273 -4.78 10.25 10.27
C VAL A 273 -5.76 9.50 11.16
N ASN A 274 -5.21 8.51 11.86
CA ASN A 274 -5.90 7.83 12.95
C ASN A 274 -7.25 7.26 12.53
N LYS A 275 -7.28 6.59 11.38
CA LYS A 275 -8.52 5.98 10.90
C LYS A 275 -8.47 4.47 11.12
N THR A 276 -9.66 3.86 11.11
CA THR A 276 -9.78 2.42 11.26
C THR A 276 -10.41 1.83 10.00
N ILE A 277 -9.83 0.75 9.50
CA ILE A 277 -10.30 0.07 8.30
C ILE A 277 -10.44 -1.41 8.61
N THR A 278 -11.39 -2.07 7.94
CA THR A 278 -11.52 -3.52 7.91
C THR A 278 -11.37 -3.99 6.47
N GLY A 279 -10.62 -5.07 6.28
CA GLY A 279 -10.37 -5.57 4.94
C GLY A 279 -9.40 -6.73 4.98
N ASP A 280 -8.82 -7.00 3.83
CA ASP A 280 -7.83 -8.08 3.69
C ASP A 280 -6.45 -7.47 3.54
N CYS A 281 -5.52 -7.88 4.40
CA CYS A 281 -4.25 -7.19 4.57
C CYS A 281 -3.09 -7.88 3.87
N LEU A 282 -2.20 -7.09 3.28
CA LEU A 282 -0.95 -7.54 2.70
C LEU A 282 0.18 -6.83 3.45
N PRO A 283 1.05 -7.54 4.18
CA PRO A 283 2.13 -6.83 4.88
C PRO A 283 3.02 -6.08 3.90
N ILE A 284 3.51 -4.92 4.34
CA ILE A 284 4.58 -4.22 3.65
C ILE A 284 5.82 -4.36 4.52
N LEU A 285 6.85 -5.02 3.98
CA LEU A 285 8.06 -5.37 4.72
C LEU A 285 9.16 -4.40 4.37
N ASP A 286 9.94 -3.99 5.39
CA ASP A 286 11.15 -3.27 5.12
C ASP A 286 12.23 -4.29 4.76
N MET A 287 12.90 -4.08 3.62
CA MET A 287 13.91 -5.03 3.16
C MET A 287 15.13 -5.03 4.05
N GLU A 288 15.30 -4.02 4.90
CA GLU A 288 16.50 -3.88 5.69
C GLU A 288 16.32 -4.44 7.09
N THR A 289 15.12 -4.86 7.46
CA THR A 289 14.84 -5.14 8.86
C THR A 289 13.80 -6.23 9.03
N GLY A 290 12.82 -6.27 8.14
CA GLY A 290 11.70 -7.13 8.36
C GLY A 290 10.67 -6.51 9.27
N ASN A 291 10.90 -5.28 9.74
CA ASN A 291 9.87 -4.55 10.44
C ASN A 291 8.72 -4.34 9.46
N ILE A 292 7.51 -4.51 9.94
CA ILE A 292 6.32 -4.29 9.13
C ILE A 292 5.68 -3.02 9.67
N GLY A 293 5.79 -1.95 8.92
CA GLY A 293 5.29 -0.67 9.36
C GLY A 293 3.99 -0.28 8.71
N ALA A 294 3.49 -1.09 7.78
CA ALA A 294 2.33 -0.75 6.98
C ALA A 294 1.76 -2.03 6.40
N TYR A 295 0.48 -1.96 6.04
CA TYR A 295 -0.24 -3.01 5.37
C TYR A 295 -1.04 -2.42 4.22
N VAL A 296 -1.12 -3.14 3.11
CA VAL A 296 -2.13 -2.84 2.11
C VAL A 296 -3.42 -3.45 2.59
N VAL A 297 -4.48 -2.67 2.62
CA VAL A 297 -5.77 -3.17 3.05
C VAL A 297 -6.74 -3.08 1.89
N LEU A 298 -7.11 -4.23 1.35
CA LEU A 298 -8.14 -4.29 0.31
C LEU A 298 -9.50 -4.22 0.96
N VAL A 299 -10.35 -3.37 0.40
CA VAL A 299 -11.68 -3.16 0.96
C VAL A 299 -12.77 -3.61 0.02
N ASP A 300 -12.47 -3.76 -1.27
CA ASP A 300 -13.37 -4.44 -2.20
C ASP A 300 -12.57 -5.49 -2.97
N GLN A 301 -13.18 -6.12 -3.97
CA GLN A 301 -12.55 -7.15 -4.79
C GLN A 301 -12.26 -6.71 -6.23
N THR A 302 -12.58 -5.47 -6.57
CA THR A 302 -12.27 -4.92 -7.87
C THR A 302 -11.08 -3.99 -7.71
N GLY A 303 -10.40 -3.70 -8.80
CA GLY A 303 -9.19 -2.93 -8.75
C GLY A 303 -7.98 -3.75 -9.18
N ASN A 304 -6.88 -3.02 -9.38
CA ASN A 304 -5.65 -3.64 -9.84
C ASN A 304 -5.01 -4.51 -8.78
N MET A 305 -5.07 -4.11 -7.52
CA MET A 305 -4.46 -4.91 -6.48
C MET A 305 -5.14 -6.26 -6.38
N ALA A 306 -6.48 -6.24 -6.42
CA ALA A 306 -7.29 -7.45 -6.33
C ALA A 306 -7.01 -8.38 -7.51
N THR A 307 -6.94 -7.83 -8.72
CA THR A 307 -6.57 -8.63 -9.87
C THR A 307 -5.22 -9.29 -9.69
N ARG A 308 -4.20 -8.50 -9.33
CA ARG A 308 -2.86 -9.04 -9.13
C ARG A 308 -2.85 -10.07 -8.03
N LEU A 309 -3.69 -9.90 -7.03
CA LEU A 309 -3.71 -10.82 -5.92
C LEU A 309 -4.43 -12.11 -6.31
N ARG A 310 -5.48 -12.02 -7.13
CA ARG A 310 -6.16 -13.21 -7.67
C ARG A 310 -5.18 -14.05 -8.49
N ALA A 311 -4.45 -13.41 -9.41
CA ALA A 311 -3.39 -14.14 -10.11
C ALA A 311 -2.38 -14.73 -9.13
N ALA A 312 -1.91 -13.92 -8.17
CA ALA A 312 -0.86 -14.38 -7.27
C ALA A 312 -1.36 -15.42 -6.30
N VAL A 313 -2.64 -15.40 -5.98
CA VAL A 313 -3.18 -16.22 -4.91
C VAL A 313 -4.53 -16.77 -5.35
N PRO A 314 -4.57 -17.89 -6.09
CA PRO A 314 -5.87 -18.35 -6.62
C PRO A 314 -6.89 -18.61 -5.54
N GLY A 315 -6.43 -19.04 -4.35
CA GLY A 315 -7.32 -19.33 -3.24
C GLY A 315 -7.97 -18.12 -2.57
N TRP A 316 -7.43 -16.91 -2.80
CA TRP A 316 -7.95 -15.74 -2.07
C TRP A 316 -9.40 -15.43 -2.47
N SER A 317 -9.73 -15.54 -3.76
CA SER A 317 -11.07 -15.17 -4.17
C SER A 317 -12.12 -16.10 -3.53
N ARG A 318 -11.72 -17.32 -3.17
CA ARG A 318 -12.62 -18.25 -2.50
C ARG A 318 -12.72 -18.00 -1.00
N ARG A 319 -11.64 -17.54 -0.35
CA ARG A 319 -11.59 -17.41 1.11
C ARG A 319 -12.04 -16.04 1.65
N THR A 320 -12.07 -15.00 0.83
CA THR A 320 -12.30 -13.64 1.31
C THR A 320 -13.77 -13.42 1.68
N LEU A 321 -14.04 -12.34 2.41
CA LEU A 321 -15.41 -11.94 2.71
C LEU A 321 -15.71 -10.52 2.23
N LEU A 322 -14.89 -10.00 1.34
CA LEU A 322 -14.98 -8.65 0.80
C LEU A 322 -16.05 -8.55 -0.29
N PRO A 323 -16.69 -7.40 -0.42
CA PRO A 323 -17.58 -7.16 -1.56
C PRO A 323 -16.84 -7.16 -2.90
N GLU A 324 -17.58 -7.46 -3.97
CA GLU A 324 -17.10 -7.09 -5.30
C GLU A 324 -16.73 -5.61 -5.31
N THR A 325 -17.58 -4.77 -4.72
CA THR A 325 -17.37 -3.32 -4.73
C THR A 325 -17.83 -2.74 -3.41
N ALA A 326 -17.07 -1.75 -2.93
CA ALA A 326 -17.41 -1.00 -1.73
C ALA A 326 -17.76 0.46 -2.01
N GLY A 327 -17.60 0.92 -3.25
CA GLY A 327 -17.90 2.29 -3.60
C GLY A 327 -17.01 3.34 -2.98
N ASN A 328 -15.79 2.98 -2.58
CA ASN A 328 -14.78 3.96 -2.20
C ASN A 328 -14.12 4.49 -3.45
N HIS A 329 -13.91 5.80 -3.50
CA HIS A 329 -13.54 6.39 -4.78
C HIS A 329 -13.05 7.80 -4.57
N VAL A 330 -12.38 8.30 -5.59
CA VAL A 330 -12.15 9.72 -5.78
C VAL A 330 -12.75 10.06 -7.13
N THR A 331 -13.26 11.27 -7.27
CA THR A 331 -13.95 11.64 -8.48
C THR A 331 -12.93 12.25 -9.44
N PRO A 332 -12.77 11.71 -10.63
CA PRO A 332 -11.72 12.22 -11.49
C PRO A 332 -12.02 13.64 -11.92
N PRO A 333 -10.99 14.44 -12.13
CA PRO A 333 -11.20 15.81 -12.62
C PRO A 333 -11.62 15.86 -14.06
N GLU A 334 -12.41 16.90 -14.37
CA GLU A 334 -12.70 17.22 -15.76
C GLU A 334 -11.42 17.73 -16.40
N TYR A 335 -11.19 17.32 -17.66
CA TYR A 335 -9.98 17.68 -18.37
C TYR A 335 -9.94 19.19 -18.61
N ASN A 344 -2.31 20.55 -23.52
CA ASN A 344 -0.99 19.96 -23.31
C ASN A 344 -0.65 19.79 -21.82
N SER A 345 -0.76 18.57 -21.31
CA SER A 345 -0.27 18.29 -19.96
C SER A 345 -0.09 16.78 -19.78
N LEU A 346 0.33 16.40 -18.57
CA LEU A 346 0.47 15.01 -18.17
C LEU A 346 -0.71 14.69 -17.26
N TRP A 347 -1.56 13.77 -17.70
CA TRP A 347 -2.80 13.43 -17.01
C TRP A 347 -2.71 12.07 -16.34
N MET A 348 -3.13 12.03 -15.08
CA MET A 348 -3.44 10.78 -14.41
C MET A 348 -4.92 10.89 -14.09
N THR A 349 -5.69 9.92 -14.54
CA THR A 349 -7.14 10.09 -14.51
C THR A 349 -7.72 10.35 -13.14
N PRO A 350 -7.34 9.66 -12.08
CA PRO A 350 -8.02 9.93 -10.80
C PRO A 350 -7.69 11.29 -10.19
N VAL A 351 -6.60 11.96 -10.59
CA VAL A 351 -6.19 13.18 -9.91
C VAL A 351 -5.81 14.36 -10.80
N GLY A 352 -5.76 14.16 -12.13
CA GLY A 352 -5.51 15.26 -13.04
C GLY A 352 -4.05 15.48 -13.42
N ASN A 353 -3.60 16.73 -13.30
CA ASN A 353 -2.31 17.18 -13.81
C ASN A 353 -1.15 16.65 -12.98
N MET A 354 -0.07 16.30 -13.66
CA MET A 354 1.07 15.60 -13.06
C MET A 354 2.36 16.18 -13.60
N LEU A 355 3.45 16.09 -12.83
CA LEU A 355 4.76 16.32 -13.41
C LEU A 355 5.81 15.45 -12.71
N PHE A 356 6.87 15.15 -13.48
CA PHE A 356 8.07 14.49 -12.97
C PHE A 356 9.03 15.51 -12.33
N ASP A 357 9.45 15.21 -11.11
CA ASP A 357 10.40 16.02 -10.35
C ASP A 357 11.48 15.11 -9.80
N GLN A 358 12.68 15.21 -10.36
CA GLN A 358 13.79 14.38 -9.88
C GLN A 358 13.39 12.92 -10.01
N GLY A 359 12.73 12.59 -11.13
CA GLY A 359 12.21 11.26 -11.32
C GLY A 359 10.98 10.95 -10.51
N THR A 360 10.64 11.78 -9.52
CA THR A 360 9.50 11.57 -8.64
C THR A 360 8.22 12.10 -9.29
N LEU A 361 7.07 11.77 -8.72
CA LEU A 361 5.79 12.06 -9.35
C LEU A 361 4.96 12.96 -8.45
N VAL A 362 4.62 14.16 -8.92
CA VAL A 362 3.83 15.09 -8.14
C VAL A 362 2.64 15.58 -8.96
N GLY A 363 1.50 15.76 -8.30
CA GLY A 363 0.31 16.27 -8.95
C GLY A 363 0.11 17.73 -8.60
N ALA A 364 -0.68 18.43 -9.42
CA ALA A 364 -0.96 19.84 -9.17
C ALA A 364 -1.77 20.05 -7.89
N LEU A 365 -2.78 19.24 -7.68
CA LEU A 365 -3.75 19.45 -6.63
C LEU A 365 -3.33 18.70 -5.37
N ASP A 366 -4.03 18.98 -4.26
CA ASP A 366 -3.92 18.16 -3.05
C ASP A 366 -5.05 17.16 -3.07
N PHE A 367 -4.70 15.88 -2.91
CA PHE A 367 -5.71 14.84 -3.03
C PHE A 367 -6.83 15.00 -2.01
N ARG A 368 -6.51 15.40 -0.77
CA ARG A 368 -7.52 15.53 0.26
C ARG A 368 -8.60 16.54 -0.17
N SER A 369 -8.29 17.42 -1.13
CA SER A 369 -9.21 18.41 -1.65
C SER A 369 -10.03 17.93 -2.85
N LEU A 370 -9.90 16.68 -3.26
CA LEU A 370 -10.77 16.18 -4.31
C LEU A 370 -12.04 15.64 -3.66
N ARG A 371 -13.04 15.38 -4.47
CA ARG A 371 -14.25 14.72 -3.98
C ARG A 371 -13.94 13.23 -3.88
N SER A 372 -13.89 12.69 -2.65
CA SER A 372 -13.56 11.30 -2.42
C SER A 372 -14.39 10.73 -1.26
N ARG A 373 -14.88 9.51 -1.43
CA ARG A 373 -15.52 8.74 -0.38
C ARG A 373 -14.56 7.63 0.06
N HIS A 374 -14.47 7.42 1.36
CA HIS A 374 -13.58 6.41 1.93
C HIS A 374 -14.32 5.64 3.01
N PRO A 375 -13.79 4.51 3.44
CA PRO A 375 -14.47 3.73 4.49
C PRO A 375 -14.88 4.54 5.69
N TRP A 376 -14.06 5.51 6.09
CA TRP A 376 -14.34 6.29 7.27
C TRP A 376 -15.30 7.45 6.99
N SER A 377 -15.58 7.76 5.73
CA SER A 377 -16.55 8.82 5.41
C SER A 377 -17.93 8.54 6.02
N LEU B 254 4.98 -20.44 -2.60
CA LEU B 254 5.71 -19.52 -3.48
C LEU B 254 5.01 -18.15 -3.50
N THR B 255 5.57 -17.15 -2.80
CA THR B 255 4.94 -15.85 -2.66
C THR B 255 5.52 -14.83 -3.66
N ARG B 256 4.66 -13.90 -4.10
CA ARG B 256 5.06 -12.78 -4.95
C ARG B 256 5.16 -11.51 -4.12
N TYR B 257 6.04 -10.58 -4.53
CA TYR B 257 6.29 -9.33 -3.82
C TYR B 257 6.31 -8.17 -4.78
N LEU B 258 5.56 -7.14 -4.45
CA LEU B 258 5.52 -5.96 -5.29
C LEU B 258 6.37 -4.88 -4.66
N PRO B 259 7.53 -4.54 -5.22
CA PRO B 259 8.27 -3.38 -4.73
C PRO B 259 7.52 -2.07 -4.89
N ILE B 260 7.68 -1.19 -3.90
CA ILE B 260 7.13 0.16 -3.94
C ILE B 260 8.24 1.11 -4.29
N SER B 261 7.98 2.00 -5.22
CA SER B 261 9.02 2.89 -5.70
C SER B 261 9.40 3.92 -4.64
N GLY B 262 10.71 4.21 -4.56
CA GLY B 262 11.21 5.24 -3.67
C GLY B 262 11.55 4.78 -2.27
N VAL B 263 11.17 3.55 -1.91
CA VAL B 263 11.38 3.02 -0.58
C VAL B 263 11.91 1.60 -0.70
N SER B 264 12.58 1.14 0.34
CA SER B 264 13.14 -0.20 0.33
C SER B 264 12.17 -1.18 0.99
N SER B 265 10.93 -1.19 0.51
CA SER B 265 9.87 -2.02 1.06
C SER B 265 9.14 -2.74 -0.08
N VAL B 266 8.54 -3.88 0.25
CA VAL B 266 7.76 -4.64 -0.74
C VAL B 266 6.43 -5.06 -0.12
N VAL B 267 5.42 -5.20 -0.97
CA VAL B 267 4.13 -5.74 -0.56
C VAL B 267 4.17 -7.26 -0.74
N ALA B 268 3.94 -7.97 0.36
CA ALA B 268 3.85 -9.44 0.33
C ALA B 268 2.43 -9.85 -0.08
N LEU B 269 2.28 -10.46 -1.25
CA LEU B 269 0.96 -10.83 -1.75
C LEU B 269 0.48 -12.10 -1.03
N SER B 270 0.38 -11.96 0.30
CA SER B 270 0.05 -13.04 1.24
C SER B 270 -1.05 -12.54 2.17
N PRO B 271 -2.32 -12.75 1.80
CA PRO B 271 -3.41 -12.08 2.54
C PRO B 271 -3.77 -12.71 3.88
N TYR B 272 -4.09 -11.84 4.82
CA TYR B 272 -4.70 -12.20 6.08
C TYR B 272 -6.10 -11.59 6.03
N VAL B 273 -7.11 -12.44 5.89
CA VAL B 273 -8.45 -12.01 5.50
C VAL B 273 -9.21 -11.50 6.71
N ASN B 274 -10.11 -10.53 6.44
CA ASN B 274 -11.09 -10.04 7.41
C ASN B 274 -10.43 -9.62 8.72
N LYS B 275 -9.38 -8.81 8.62
CA LYS B 275 -8.73 -8.25 9.80
C LYS B 275 -9.08 -6.75 9.89
N THR B 276 -8.96 -6.17 11.09
CA THR B 276 -9.15 -4.74 11.31
C THR B 276 -7.92 -4.12 11.95
N ILE B 277 -7.43 -3.01 11.38
CA ILE B 277 -6.28 -2.32 11.93
C ILE B 277 -6.60 -0.84 12.04
N THR B 278 -5.91 -0.18 12.94
CA THR B 278 -6.00 1.26 13.05
C THR B 278 -4.64 1.84 12.73
N GLY B 279 -4.65 2.95 11.99
CA GLY B 279 -3.43 3.59 11.59
C GLY B 279 -3.74 4.78 10.71
N ASP B 280 -2.73 5.22 9.96
CA ASP B 280 -2.88 6.39 9.08
C ASP B 280 -2.94 5.90 7.64
N CYS B 281 -4.01 6.24 6.92
CA CYS B 281 -4.34 5.60 5.65
C CYS B 281 -3.96 6.47 4.45
N LEU B 282 -3.41 5.82 3.42
CA LEU B 282 -3.06 6.40 2.13
C LEU B 282 -3.81 5.67 1.02
N PRO B 283 -4.66 6.32 0.25
CA PRO B 283 -5.33 5.60 -0.84
C PRO B 283 -4.32 5.06 -1.85
N ILE B 284 -4.68 3.93 -2.44
CA ILE B 284 -3.99 3.40 -3.59
C ILE B 284 -4.87 3.70 -4.79
N LEU B 285 -4.32 4.44 -5.75
CA LEU B 285 -5.05 4.85 -6.94
C LEU B 285 -4.65 3.99 -8.13
N ASP B 286 -5.66 3.58 -8.88
CA ASP B 286 -5.46 3.00 -10.19
C ASP B 286 -5.37 4.12 -11.21
N MET B 287 -4.45 3.96 -12.16
CA MET B 287 -4.18 5.01 -13.11
C MET B 287 -5.35 5.26 -14.06
N GLU B 288 -6.26 4.30 -14.13
CA GLU B 288 -7.36 4.27 -15.09
C GLU B 288 -8.73 4.59 -14.48
N THR B 289 -8.84 4.75 -13.17
CA THR B 289 -10.12 5.02 -12.55
C THR B 289 -9.95 5.75 -11.23
N GLY B 290 -11.08 6.26 -10.74
CA GLY B 290 -11.17 6.90 -9.46
C GLY B 290 -11.66 5.95 -8.40
N ASN B 291 -11.92 4.70 -8.77
CA ASN B 291 -12.24 3.68 -7.80
C ASN B 291 -11.05 3.39 -6.89
N ILE B 292 -11.35 3.27 -5.60
CA ILE B 292 -10.36 2.96 -4.59
C ILE B 292 -10.78 1.64 -3.95
N GLY B 293 -9.98 0.61 -4.15
CA GLY B 293 -10.29 -0.69 -3.59
C GLY B 293 -9.36 -1.06 -2.45
N ALA B 294 -8.34 -0.24 -2.22
CA ALA B 294 -7.33 -0.59 -1.23
C ALA B 294 -6.64 0.66 -0.75
N TYR B 295 -6.14 0.57 0.48
CA TYR B 295 -5.38 1.63 1.16
C TYR B 295 -4.13 1.06 1.80
N VAL B 296 -3.06 1.86 1.85
CA VAL B 296 -1.90 1.60 2.72
C VAL B 296 -2.21 2.15 4.11
N VAL B 297 -1.99 1.34 5.15
CA VAL B 297 -2.21 1.77 6.53
C VAL B 297 -0.86 1.71 7.24
N LEU B 298 -0.32 2.87 7.60
CA LEU B 298 0.91 2.91 8.38
C LEU B 298 0.55 2.62 9.85
N VAL B 299 1.34 1.76 10.48
CA VAL B 299 1.13 1.35 11.86
C VAL B 299 2.31 1.65 12.78
N ASP B 300 3.48 2.02 12.24
CA ASP B 300 4.66 2.47 12.96
C ASP B 300 4.93 3.90 12.52
N GLN B 301 5.93 4.51 13.13
CA GLN B 301 6.44 5.77 12.63
C GLN B 301 7.85 5.59 12.08
N THR B 302 8.39 4.36 12.14
CA THR B 302 9.74 4.02 11.70
C THR B 302 9.82 3.35 10.32
N GLY B 303 8.80 2.64 9.87
CA GLY B 303 8.93 1.92 8.62
C GLY B 303 9.38 2.80 7.48
N ASN B 304 9.78 2.21 6.35
CA ASN B 304 10.25 3.05 5.26
C ASN B 304 9.10 3.88 4.71
N MET B 305 7.88 3.36 4.74
CA MET B 305 6.75 4.14 4.26
C MET B 305 6.61 5.43 5.08
N ALA B 306 6.71 5.32 6.41
CA ALA B 306 6.62 6.48 7.26
C ALA B 306 7.72 7.50 6.95
N THR B 307 8.96 7.03 6.80
CA THR B 307 10.07 7.91 6.45
C THR B 307 9.82 8.65 5.14
N ARG B 308 9.44 7.91 4.10
CA ARG B 308 9.23 8.55 2.80
C ARG B 308 8.10 9.56 2.89
N LEU B 309 7.14 9.34 3.82
CA LEU B 309 6.02 10.26 3.99
C LEU B 309 6.40 11.52 4.75
N ARG B 310 7.23 11.41 5.79
CA ARG B 310 7.76 12.62 6.41
C ARG B 310 8.51 13.45 5.37
N ALA B 311 9.31 12.78 4.54
CA ALA B 311 9.97 13.49 3.45
C ALA B 311 8.95 14.22 2.58
N ALA B 312 7.90 13.52 2.16
CA ALA B 312 6.93 14.15 1.26
C ALA B 312 5.98 15.08 1.99
N VAL B 313 5.74 14.85 3.27
CA VAL B 313 4.67 15.53 3.98
C VAL B 313 5.17 15.94 5.36
N PRO B 314 5.92 17.04 5.47
CA PRO B 314 6.53 17.36 6.77
C PRO B 314 5.52 17.55 7.89
N GLY B 315 4.32 18.07 7.57
CA GLY B 315 3.29 18.29 8.58
C GLY B 315 2.68 17.02 9.12
N TRP B 316 2.86 15.91 8.40
CA TRP B 316 2.24 14.66 8.82
C TRP B 316 2.78 14.26 10.20
N SER B 317 4.07 14.50 10.41
CA SER B 317 4.72 14.14 11.66
C SER B 317 4.12 14.85 12.88
N ARG B 318 3.47 16.02 12.70
CA ARG B 318 2.77 16.62 13.84
C ARG B 318 1.41 15.98 14.07
N ARG B 319 0.69 15.65 13.00
CA ARG B 319 -0.70 15.26 13.18
C ARG B 319 -0.84 13.78 13.55
N THR B 320 0.20 12.98 13.32
CA THR B 320 0.08 11.55 13.55
C THR B 320 0.09 11.24 15.03
N LEU B 321 -0.48 10.09 15.36
CA LEU B 321 -0.52 9.57 16.71
C LEU B 321 0.03 8.13 16.74
N LEU B 322 0.80 7.76 15.71
CA LEU B 322 1.36 6.42 15.63
C LEU B 322 2.56 6.28 16.56
N PRO B 323 2.76 5.09 17.11
CA PRO B 323 3.95 4.86 17.91
C PRO B 323 5.19 5.04 17.06
N GLU B 324 6.31 5.36 17.72
CA GLU B 324 7.60 5.19 17.07
C GLU B 324 7.68 3.80 16.46
N THR B 325 7.32 2.77 17.23
CA THR B 325 7.46 1.40 16.76
C THR B 325 6.36 0.50 17.30
N ALA B 326 5.97 -0.44 16.45
CA ALA B 326 5.22 -1.61 16.85
C ALA B 326 6.09 -2.83 16.57
N GLY B 327 5.86 -3.88 17.34
CA GLY B 327 6.61 -5.10 17.18
C GLY B 327 6.08 -5.91 16.02
N ASN B 328 5.55 -5.24 15.00
CA ASN B 328 5.19 -5.94 13.78
C ASN B 328 6.44 -6.19 12.96
N HIS B 329 6.61 -7.44 12.55
CA HIS B 329 7.87 -7.85 11.94
C HIS B 329 7.68 -9.25 11.37
N VAL B 330 8.55 -9.61 10.44
CA VAL B 330 8.67 -11.00 10.02
C VAL B 330 10.11 -11.42 10.24
N THR B 331 10.28 -12.66 10.72
CA THR B 331 11.59 -13.18 11.07
C THR B 331 12.07 -14.19 10.04
N PRO B 332 13.24 -14.00 9.44
CA PRO B 332 13.78 -15.00 8.51
C PRO B 332 14.26 -16.22 9.28
N PRO B 333 14.40 -17.38 8.59
CA PRO B 333 14.92 -18.60 9.23
C PRO B 333 16.42 -18.57 9.51
N LEU B 346 23.01 -5.29 4.76
CA LEU B 346 23.49 -6.64 4.47
C LEU B 346 22.76 -7.15 3.24
N TRP B 347 23.18 -8.32 2.73
CA TRP B 347 22.62 -8.89 1.53
C TRP B 347 21.64 -10.01 1.84
N MET B 348 21.02 -9.96 3.02
CA MET B 348 20.04 -10.96 3.43
C MET B 348 18.63 -10.41 3.48
N THR B 349 17.73 -11.11 2.81
CA THR B 349 16.32 -10.79 2.75
C THR B 349 15.62 -11.15 4.07
N PRO B 350 14.58 -10.41 4.47
CA PRO B 350 13.82 -10.78 5.70
C PRO B 350 12.96 -12.04 5.56
N VAL B 351 12.85 -12.57 4.35
CA VAL B 351 12.00 -13.72 4.04
C VAL B 351 12.79 -14.84 3.37
N GLY B 352 14.09 -14.67 3.22
CA GLY B 352 14.92 -15.68 2.61
C GLY B 352 15.09 -15.42 1.13
N ASN B 353 15.11 -16.44 0.30
CA ASN B 353 15.55 -16.22 -1.07
C ASN B 353 14.45 -15.59 -1.91
N MET B 354 14.85 -14.64 -2.75
CA MET B 354 13.96 -13.88 -3.62
C MET B 354 14.64 -13.69 -4.97
N LEU B 355 13.81 -13.64 -6.01
CA LEU B 355 14.29 -13.49 -7.37
C LEU B 355 13.49 -12.45 -8.10
N PHE B 356 14.18 -11.66 -8.90
CA PHE B 356 13.51 -10.70 -9.76
C PHE B 356 13.01 -11.46 -10.97
N ASP B 357 11.69 -11.47 -11.13
CA ASP B 357 11.05 -12.11 -12.26
C ASP B 357 9.82 -11.32 -12.68
N GLN B 358 9.72 -10.99 -13.96
CA GLN B 358 8.47 -10.50 -14.56
C GLN B 358 7.94 -9.24 -13.86
N GLY B 359 8.86 -8.28 -13.68
CA GLY B 359 8.60 -7.01 -13.04
C GLY B 359 8.51 -7.00 -11.54
N THR B 360 8.38 -8.16 -10.90
CA THR B 360 8.23 -8.18 -9.45
C THR B 360 9.26 -9.15 -8.88
N LEU B 361 9.04 -9.53 -7.63
CA LEU B 361 9.91 -10.38 -6.83
C LEU B 361 9.12 -11.63 -6.47
N VAL B 362 9.74 -12.79 -6.62
CA VAL B 362 9.13 -14.05 -6.22
C VAL B 362 10.08 -14.71 -5.22
N GLY B 363 9.53 -15.22 -4.14
CA GLY B 363 10.33 -15.81 -3.09
C GLY B 363 10.27 -17.32 -3.10
N ALA B 364 11.29 -17.91 -2.46
CA ALA B 364 11.36 -19.35 -2.37
C ALA B 364 10.20 -19.91 -1.54
N LEU B 365 9.87 -19.24 -0.45
CA LEU B 365 8.95 -19.76 0.57
C LEU B 365 7.51 -19.27 0.38
N ASP B 366 6.64 -19.76 1.26
CA ASP B 366 5.33 -19.18 1.51
C ASP B 366 5.43 -18.28 2.74
N PHE B 367 4.97 -17.03 2.62
CA PHE B 367 5.13 -16.07 3.71
C PHE B 367 4.45 -16.55 4.99
N ARG B 368 3.27 -17.18 4.87
CA ARG B 368 2.53 -17.61 6.04
C ARG B 368 3.33 -18.61 6.88
N SER B 369 4.33 -19.25 6.29
CA SER B 369 5.15 -20.21 7.01
C SER B 369 6.31 -19.55 7.75
N LEU B 370 6.45 -18.24 7.67
CA LEU B 370 7.45 -17.58 8.49
C LEU B 370 6.84 -17.16 9.82
N ARG B 371 7.71 -16.90 10.78
CA ARG B 371 7.31 -16.38 12.08
C ARG B 371 7.11 -14.89 11.91
N SER B 372 5.86 -14.42 12.05
CA SER B 372 5.58 -12.99 11.86
C SER B 372 4.59 -12.51 12.91
N ARG B 373 4.91 -11.35 13.49
CA ARG B 373 4.01 -10.68 14.43
C ARG B 373 3.32 -9.55 13.68
N HIS B 374 2.01 -9.46 13.87
CA HIS B 374 1.13 -8.51 13.21
C HIS B 374 0.22 -7.81 14.20
N PRO B 375 -0.42 -6.72 13.80
CA PRO B 375 -1.36 -6.03 14.70
C PRO B 375 -2.37 -6.96 15.36
N TRP B 376 -2.86 -7.97 14.66
CA TRP B 376 -3.80 -8.91 15.25
C TRP B 376 -3.11 -10.08 15.96
N SER B 377 -1.81 -10.27 15.75
CA SER B 377 -1.08 -11.36 16.43
C SER B 377 -1.23 -11.23 17.94
#